data_7MY5
#
_entry.id   7MY5
#
_cell.length_a   89.591
_cell.length_b   89.591
_cell.length_c   133.076
_cell.angle_alpha   90.000
_cell.angle_beta   90.000
_cell.angle_gamma   90.000
#
_symmetry.space_group_name_H-M   'I 4 2 2'
#
loop_
_entity.id
_entity.type
_entity.pdbx_description
1 polymer 'Polymerase acidic protein'
2 non-polymer 'MANGANESE (II) ION'
3 non-polymer 5-hydroxy-N-[2-(4-hydroxy-3-methoxyphenyl)ethyl]-2-(2-methylphenyl)-6-oxo-1,6-dihydropyrimidine-4-carboxamide
4 non-polymer 'Hexa Vinylpyrrolidone K15'
5 non-polymer 'SULFATE ION'
6 water water
#
_entity_poly.entity_id   1
_entity_poly.type   'polypeptide(L)'
_entity_poly.pdbx_seq_one_letter_code
;MGSSHHHHHHSSGLVPRGSHMEDFVRQCFNPMIVELAEKAMKEYGEDPKIETNKFAAICTHLEVCFMYSDGGSKHRFEII
EGRDRIMAWTVVNSICNTTGVEKPKFLPDLYDYKENRFIEIGVTRREVHIYYLEKANKIKSEKTHIHIFSFTGEEMATKA
DYTLDEESRARIKTRLFTIRQEMASRSLWDSFRQSER
;
_entity_poly.pdbx_strand_id   A
#
loop_
_chem_comp.id
_chem_comp.type
_chem_comp.name
_chem_comp.formula
MN non-polymer 'MANGANESE (II) ION' 'Mn 2'
QQ4 non-polymer 'Hexa Vinylpyrrolidone K15' 'C36 H56 N6 O6'
SO4 non-polymer 'SULFATE ION' 'O4 S -2'
Y5V non-polymer 5-hydroxy-N-[2-(4-hydroxy-3-methoxyphenyl)ethyl]-2-(2-methylphenyl)-6-oxo-1,6-dihydropyrimidine-4-carboxamide 'C21 H21 N3 O5'
#
# COMPACT_ATOMS: atom_id res chain seq x y z
N ARG A 17 -2.22 -2.07 -27.01
CA ARG A 17 -1.02 -1.56 -26.35
C ARG A 17 0.05 -2.65 -26.27
N GLY A 18 -0.28 -3.77 -25.65
CA GLY A 18 0.61 -4.91 -25.59
C GLY A 18 1.90 -4.66 -24.83
N SER A 19 1.79 -4.47 -23.52
CA SER A 19 2.95 -4.23 -22.67
C SER A 19 3.33 -5.53 -21.95
N HIS A 20 4.63 -5.85 -21.97
CA HIS A 20 5.12 -6.99 -21.20
C HIS A 20 4.83 -6.80 -19.71
N MET A 21 4.89 -5.56 -19.23
CA MET A 21 4.55 -5.28 -17.84
C MET A 21 3.12 -5.68 -17.54
N GLU A 22 2.18 -5.26 -18.39
CA GLU A 22 0.76 -5.54 -18.16
C GLU A 22 0.49 -7.04 -18.05
N ASP A 23 1.09 -7.83 -18.94
CA ASP A 23 0.92 -9.27 -18.88
C ASP A 23 1.59 -9.86 -17.65
N PHE A 24 2.73 -9.29 -17.24
CA PHE A 24 3.39 -9.76 -16.01
C PHE A 24 2.55 -9.44 -14.79
N VAL A 25 1.96 -8.25 -14.74
CA VAL A 25 1.12 -7.88 -13.59
C VAL A 25 -0.06 -8.83 -13.45
N ARG A 26 -0.65 -9.23 -14.58
CA ARG A 26 -1.79 -10.14 -14.53
C ARG A 26 -1.37 -11.55 -14.13
N GLN A 27 -0.13 -11.93 -14.43
CA GLN A 27 0.37 -13.24 -14.03
C GLN A 27 0.91 -13.24 -12.61
N CYS A 28 1.39 -12.08 -12.14
CA CYS A 28 2.05 -12.02 -10.84
C CYS A 28 1.07 -11.94 -9.68
N PHE A 29 0.03 -11.11 -9.81
CA PHE A 29 -0.87 -10.83 -8.71
C PHE A 29 -2.17 -11.63 -8.84
N ASN A 30 -2.84 -11.81 -7.70
CA ASN A 30 -4.09 -12.54 -7.69
C ASN A 30 -5.15 -11.78 -8.49
N PRO A 31 -6.06 -12.47 -9.17
CA PRO A 31 -7.01 -11.77 -10.06
C PRO A 31 -7.85 -10.73 -9.35
N MET A 32 -8.26 -10.98 -8.10
CA MET A 32 -9.05 -9.99 -7.37
C MET A 32 -8.23 -8.74 -7.08
N ILE A 33 -6.94 -8.89 -6.81
CA ILE A 33 -6.08 -7.73 -6.61
C ILE A 33 -6.01 -6.89 -7.88
N VAL A 34 -5.85 -7.55 -9.03
CA VAL A 34 -5.75 -6.83 -10.30
C VAL A 34 -7.04 -6.06 -10.58
N GLU A 35 -8.18 -6.64 -10.24
CA GLU A 35 -9.46 -5.97 -10.48
C GLU A 35 -9.61 -4.73 -9.63
N LEU A 36 -9.19 -4.78 -8.36
CA LEU A 36 -9.30 -3.62 -7.49
C LEU A 36 -8.36 -2.50 -7.94
N ALA A 37 -7.13 -2.87 -8.32
CA ALA A 37 -6.20 -1.86 -8.82
C ALA A 37 -6.68 -1.23 -10.12
N GLU A 38 -7.36 -2.02 -10.96
CA GLU A 38 -7.96 -1.47 -12.18
C GLU A 38 -9.04 -0.44 -11.83
N LYS A 39 -9.96 -0.81 -10.93
CA LYS A 39 -11.00 0.11 -10.52
C LYS A 39 -10.43 1.33 -9.81
N ALA A 40 -9.31 1.16 -9.09
CA ALA A 40 -8.70 2.28 -8.40
C ALA A 40 -8.12 3.29 -9.38
N MET A 41 -7.42 2.80 -10.41
CA MET A 41 -6.86 3.71 -11.40
C MET A 41 -7.95 4.40 -12.22
N LYS A 42 -8.94 3.63 -12.68
CA LYS A 42 -10.00 4.19 -13.50
C LYS A 42 -10.79 5.24 -12.74
N GLU A 43 -10.98 5.03 -11.44
CA GLU A 43 -11.66 6.03 -10.61
C GLU A 43 -10.90 7.35 -10.58
N TYR A 44 -9.58 7.32 -10.81
CA TYR A 44 -8.75 8.52 -10.80
C TYR A 44 -8.24 8.87 -12.19
N GLY A 45 -8.92 8.42 -13.24
CA GLY A 45 -8.57 8.77 -14.60
C GLY A 45 -7.22 8.26 -15.06
N GLU A 46 -6.97 6.97 -14.84
CA GLU A 46 -5.71 6.35 -15.24
C GLU A 46 -6.01 5.01 -15.91
N ASP A 47 -5.27 4.70 -16.97
CA ASP A 47 -5.47 3.47 -17.72
C ASP A 47 -4.33 2.51 -17.46
N PRO A 48 -4.59 1.34 -16.87
CA PRO A 48 -3.51 0.37 -16.61
C PRO A 48 -2.84 -0.16 -17.87
N LYS A 49 -3.42 0.05 -19.05
CA LYS A 49 -2.82 -0.48 -20.27
C LYS A 49 -1.65 0.38 -20.74
N ILE A 50 -1.64 1.67 -20.42
CA ILE A 50 -0.55 2.56 -20.77
C ILE A 50 0.32 2.89 -19.57
N GLU A 51 -0.30 3.15 -18.41
CA GLU A 51 0.45 3.41 -17.18
C GLU A 51 0.76 2.09 -16.46
N THR A 52 1.54 1.25 -17.17
CA THR A 52 1.79 -0.11 -16.70
C THR A 52 2.69 -0.13 -15.47
N ASN A 53 3.71 0.74 -15.44
CA ASN A 53 4.57 0.81 -14.27
C ASN A 53 3.78 1.23 -13.03
N LYS A 54 2.89 2.21 -13.18
CA LYS A 54 1.97 2.52 -12.10
C LYS A 54 1.14 1.29 -11.74
N PHE A 55 0.44 0.72 -12.74
CA PHE A 55 -0.39 -0.47 -12.57
C PHE A 55 0.25 -1.52 -11.67
N ALA A 56 1.57 -1.73 -11.82
CA ALA A 56 2.26 -2.66 -10.95
C ALA A 56 2.36 -2.13 -9.53
N ALA A 57 2.35 -0.81 -9.35
CA ALA A 57 2.52 -0.24 -8.01
C ALA A 57 1.24 -0.33 -7.19
N ILE A 58 0.08 -0.02 -7.79
CA ILE A 58 -1.17 -0.14 -7.02
C ILE A 58 -1.45 -1.60 -6.67
N CYS A 59 -1.11 -2.52 -7.57
CA CYS A 59 -1.24 -3.94 -7.24
C CYS A 59 -0.33 -4.31 -6.07
N THR A 60 0.93 -3.90 -6.13
CA THR A 60 1.87 -4.16 -5.04
C THR A 60 1.39 -3.53 -3.74
N HIS A 61 0.99 -2.26 -3.80
CA HIS A 61 0.51 -1.57 -2.61
C HIS A 61 -0.74 -2.23 -2.06
N LEU A 62 -1.61 -2.72 -2.95
CA LEU A 62 -2.83 -3.38 -2.49
C LEU A 62 -2.54 -4.68 -1.77
N GLU A 63 -1.63 -5.50 -2.32
CA GLU A 63 -1.31 -6.77 -1.69
C GLU A 63 -0.64 -6.57 -0.33
N VAL A 64 0.30 -5.62 -0.25
CA VAL A 64 0.96 -5.34 1.02
C VAL A 64 -0.07 -4.90 2.06
N CYS A 65 -1.03 -4.08 1.65
CA CYS A 65 -2.10 -3.67 2.57
C CYS A 65 -2.91 -4.86 3.05
N PHE A 66 -3.16 -5.83 2.18
CA PHE A 66 -3.97 -6.97 2.56
C PHE A 66 -3.19 -7.97 3.41
N MET A 67 -1.90 -8.15 3.12
CA MET A 67 -1.07 -8.96 4.00
C MET A 67 -0.87 -8.30 5.35
N TYR A 68 -0.83 -6.97 5.38
CA TYR A 68 -0.70 -6.25 6.64
C TYR A 68 -1.88 -6.50 7.55
N SER A 69 -3.10 -6.33 7.02
CA SER A 69 -4.29 -6.61 7.81
C SER A 69 -4.41 -8.08 8.16
N ASP A 70 -3.83 -8.95 7.33
CA ASP A 70 -3.82 -10.38 7.64
C ASP A 70 -2.99 -10.68 8.89
N GLY A 71 -2.02 -9.83 9.19
CA GLY A 71 -1.31 -9.96 10.45
C GLY A 71 -2.15 -9.45 11.61
N GLY A 72 -1.88 -9.99 12.80
CA GLY A 72 -2.62 -9.58 13.97
C GLY A 72 -3.90 -10.37 14.17
N SER A 73 -4.76 -9.81 15.02
CA SER A 73 -5.98 -10.50 15.42
C SER A 73 -7.05 -10.40 14.33
N LYS A 74 -8.21 -11.01 14.60
CA LYS A 74 -9.26 -11.09 13.58
C LYS A 74 -9.93 -9.74 13.36
N HIS A 75 -10.34 -9.07 14.43
CA HIS A 75 -11.04 -7.79 14.34
C HIS A 75 -10.11 -6.61 14.55
N ARG A 76 -8.81 -6.78 14.34
CA ARG A 76 -7.85 -5.74 14.67
C ARG A 76 -7.94 -4.56 13.71
N PHE A 77 -7.96 -4.84 12.40
CA PHE A 77 -7.85 -3.79 11.40
C PHE A 77 -9.16 -3.60 10.64
N GLU A 78 -9.37 -2.36 10.20
CA GLU A 78 -10.43 -2.02 9.27
C GLU A 78 -9.77 -1.56 7.97
N ILE A 79 -10.07 -2.26 6.88
CA ILE A 79 -9.37 -2.05 5.62
C ILE A 79 -10.03 -0.88 4.88
N ILE A 80 -9.29 0.21 4.72
CA ILE A 80 -9.78 1.37 3.98
C ILE A 80 -9.41 1.29 2.50
N GLU A 81 -8.16 0.91 2.21
CA GLU A 81 -7.72 0.76 0.83
C GLU A 81 -8.45 -0.40 0.16
N GLY A 82 -8.75 -0.23 -1.12
CA GLY A 82 -9.48 -1.21 -1.87
C GLY A 82 -10.97 -0.94 -2.00
N ARG A 83 -11.48 0.04 -1.27
CA ARG A 83 -12.86 0.48 -1.41
C ARG A 83 -12.93 1.67 -2.38
N ASP A 84 -14.14 1.96 -2.83
CA ASP A 84 -14.34 3.15 -3.64
C ASP A 84 -14.13 4.40 -2.78
N ARG A 85 -13.82 5.51 -3.45
CA ARG A 85 -13.47 6.73 -2.75
C ARG A 85 -14.57 7.19 -1.81
N ILE A 86 -15.83 7.07 -2.23
CA ILE A 86 -16.94 7.54 -1.40
C ILE A 86 -17.13 6.61 -0.21
N MET A 87 -17.06 5.30 -0.43
CA MET A 87 -17.30 4.36 0.65
C MET A 87 -16.15 4.36 1.65
N ALA A 88 -14.92 4.53 1.18
CA ALA A 88 -13.78 4.59 2.09
C ALA A 88 -13.89 5.78 3.04
N TRP A 89 -14.35 6.92 2.54
CA TRP A 89 -14.55 8.07 3.40
C TRP A 89 -15.72 7.87 4.35
N THR A 90 -16.70 7.06 3.96
CA THR A 90 -17.81 6.75 4.85
C THR A 90 -17.32 5.96 6.06
N VAL A 91 -16.48 4.95 5.82
CA VAL A 91 -15.95 4.15 6.92
C VAL A 91 -14.99 4.98 7.77
N VAL A 92 -14.24 5.89 7.14
CA VAL A 92 -13.37 6.78 7.91
C VAL A 92 -14.18 7.64 8.86
N ASN A 93 -15.31 8.18 8.36
CA ASN A 93 -16.17 8.98 9.22
C ASN A 93 -16.73 8.15 10.37
N SER A 94 -17.19 6.93 10.08
CA SER A 94 -17.74 6.08 11.12
C SER A 94 -16.71 5.78 12.20
N ILE A 95 -15.46 5.57 11.79
CA ILE A 95 -14.40 5.30 12.77
C ILE A 95 -14.12 6.55 13.59
N CYS A 96 -14.10 7.72 12.94
CA CYS A 96 -13.82 8.96 13.67
C CYS A 96 -14.97 9.33 14.60
N ASN A 97 -16.22 9.14 14.14
CA ASN A 97 -17.38 9.51 14.94
C ASN A 97 -17.73 8.49 16.02
N THR A 98 -17.02 7.37 16.09
CA THR A 98 -17.23 6.38 17.14
C THR A 98 -16.10 6.31 18.15
N THR A 99 -14.85 6.47 17.71
CA THR A 99 -13.71 6.47 18.62
C THR A 99 -13.36 7.87 19.11
N GLY A 100 -13.37 8.86 18.21
CA GLY A 100 -13.00 10.21 18.54
C GLY A 100 -11.74 10.70 17.87
N VAL A 101 -11.08 9.86 17.07
CA VAL A 101 -9.87 10.26 16.37
C VAL A 101 -10.21 11.34 15.34
N GLU A 102 -9.32 12.31 15.19
CA GLU A 102 -9.55 13.39 14.25
C GLU A 102 -9.57 12.87 12.82
N LYS A 103 -10.41 13.49 12.00
CA LYS A 103 -10.54 13.09 10.59
C LYS A 103 -9.26 13.41 9.85
N PRO A 104 -8.60 12.42 9.24
CA PRO A 104 -7.38 12.71 8.48
C PRO A 104 -7.68 13.50 7.22
N LYS A 105 -6.68 14.27 6.78
CA LYS A 105 -6.85 15.08 5.58
C LYS A 105 -6.87 14.23 4.32
N PHE A 106 -6.11 13.13 4.30
CA PHE A 106 -6.03 12.26 3.15
C PHE A 106 -6.48 10.85 3.55
N LEU A 107 -6.93 10.10 2.55
CA LEU A 107 -7.43 8.75 2.79
C LEU A 107 -6.32 7.84 3.27
N PRO A 108 -6.40 7.26 4.46
CA PRO A 108 -5.40 6.30 4.91
C PRO A 108 -5.71 4.91 4.36
N ASP A 109 -4.88 3.94 4.74
CA ASP A 109 -5.01 2.57 4.25
C ASP A 109 -5.74 1.65 5.23
N LEU A 110 -5.44 1.76 6.52
CA LEU A 110 -6.07 0.90 7.53
C LEU A 110 -6.37 1.72 8.77
N TYR A 111 -7.17 1.14 9.65
CA TYR A 111 -7.36 1.65 11.01
C TYR A 111 -7.07 0.52 11.99
N ASP A 112 -6.25 0.81 12.99
CA ASP A 112 -5.88 -0.16 14.01
C ASP A 112 -6.83 -0.02 15.20
N TYR A 113 -7.74 -0.96 15.34
CA TYR A 113 -8.64 -0.95 16.49
C TYR A 113 -7.90 -1.23 17.80
N LYS A 114 -6.70 -1.79 17.73
CA LYS A 114 -5.94 -2.10 18.93
C LYS A 114 -5.18 -0.87 19.43
N GLU A 115 -4.50 -0.17 18.53
CA GLU A 115 -3.73 1.02 18.90
C GLU A 115 -4.53 2.31 18.73
N ASN A 116 -5.71 2.25 18.12
CA ASN A 116 -6.59 3.41 17.92
C ASN A 116 -5.88 4.49 17.10
N ARG A 117 -5.55 4.14 15.86
CA ARG A 117 -4.90 5.07 14.95
C ARG A 117 -5.05 4.56 13.52
N PHE A 118 -5.06 5.51 12.58
CA PHE A 118 -5.03 5.17 11.17
C PHE A 118 -3.60 4.88 10.74
N ILE A 119 -3.46 3.99 9.75
CA ILE A 119 -2.16 3.56 9.26
C ILE A 119 -2.06 3.88 7.77
N GLU A 120 -0.97 4.51 7.38
CA GLU A 120 -0.66 4.77 5.98
C GLU A 120 0.46 3.84 5.55
N ILE A 121 0.16 2.95 4.62
CA ILE A 121 1.13 1.96 4.15
C ILE A 121 1.82 2.51 2.89
N GLY A 122 3.14 2.47 2.90
CA GLY A 122 3.94 2.93 1.77
C GLY A 122 4.86 1.85 1.28
N VAL A 123 5.01 1.77 -0.05
CA VAL A 123 5.92 0.85 -0.70
C VAL A 123 6.77 1.65 -1.66
N THR A 124 8.08 1.66 -1.44
CA THR A 124 9.00 2.51 -2.18
C THR A 124 9.99 1.69 -2.99
N ARG A 125 10.33 2.21 -4.17
CA ARG A 125 11.44 1.68 -4.96
C ARG A 125 12.75 2.40 -4.66
N ARG A 126 12.70 3.52 -3.96
CA ARG A 126 13.87 4.29 -3.58
C ARG A 126 14.15 4.05 -2.08
N GLU A 127 14.95 4.92 -1.48
CA GLU A 127 15.30 4.74 -0.08
C GLU A 127 14.10 5.01 0.82
N VAL A 128 13.93 4.15 1.83
CA VAL A 128 12.80 4.28 2.76
C VAL A 128 12.82 5.63 3.44
N HIS A 129 14.00 6.20 3.64
CA HIS A 129 14.11 7.47 4.36
C HIS A 129 13.43 8.60 3.60
N ILE A 130 13.56 8.60 2.28
CA ILE A 130 13.00 9.70 1.48
C ILE A 130 11.48 9.63 1.45
N TYR A 131 10.93 8.44 1.16
CA TYR A 131 9.49 8.31 1.01
C TYR A 131 8.75 8.72 2.28
N TYR A 132 9.14 8.15 3.43
CA TYR A 132 8.52 8.49 4.70
C TYR A 132 8.55 10.00 4.94
N LEU A 133 9.71 10.63 4.71
CA LEU A 133 9.79 12.08 4.83
C LEU A 133 8.80 12.77 3.90
N GLU A 134 8.66 12.26 2.67
CA GLU A 134 7.65 12.79 1.76
C GLU A 134 6.25 12.53 2.28
N LYS A 135 6.02 11.34 2.85
CA LYS A 135 4.68 11.03 3.36
C LYS A 135 4.35 11.84 4.60
N ALA A 136 5.31 11.97 5.52
CA ALA A 136 5.06 12.70 6.77
C ALA A 136 4.78 14.18 6.51
N ASN A 137 5.43 14.75 5.49
CA ASN A 137 5.15 16.15 5.15
C ASN A 137 3.72 16.33 4.67
N LYS A 138 3.19 15.33 3.97
CA LYS A 138 1.83 15.43 3.44
C LYS A 138 0.80 15.36 4.56
N ILE A 139 0.86 14.31 5.38
CA ILE A 139 -0.14 14.11 6.43
C ILE A 139 0.07 15.12 7.55
N LYS A 140 -0.72 16.19 7.54
CA LYS A 140 -0.76 17.11 8.67
C LYS A 140 -1.58 16.56 9.83
N SER A 141 -2.25 15.41 9.63
CA SER A 141 -3.06 14.83 10.70
C SER A 141 -2.21 14.42 11.89
N GLU A 142 -0.92 14.16 11.67
CA GLU A 142 0.05 13.84 12.72
C GLU A 142 -0.27 12.52 13.41
N LYS A 143 -1.53 12.34 13.85
CA LYS A 143 -1.90 11.12 14.57
C LYS A 143 -1.84 9.88 13.70
N THR A 144 -1.87 10.03 12.39
CA THR A 144 -1.86 8.88 11.50
C THR A 144 -0.50 8.19 11.51
N HIS A 145 -0.51 6.88 11.75
CA HIS A 145 0.72 6.10 11.77
C HIS A 145 1.20 5.82 10.35
N ILE A 146 2.51 5.89 10.14
CA ILE A 146 3.12 5.65 8.84
C ILE A 146 3.99 4.41 8.94
N HIS A 147 3.87 3.52 7.96
CA HIS A 147 4.69 2.32 7.88
C HIS A 147 5.13 2.12 6.43
N ILE A 148 6.44 2.23 6.19
CA ILE A 148 7.00 2.17 4.85
C ILE A 148 7.70 0.83 4.66
N PHE A 149 7.54 0.25 3.47
CA PHE A 149 8.30 -0.91 3.04
C PHE A 149 9.05 -0.58 1.76
N SER A 150 10.18 -1.26 1.55
CA SER A 150 10.95 -1.10 0.34
C SER A 150 11.10 -2.45 -0.36
N PHE A 151 11.45 -2.38 -1.66
CA PHE A 151 11.69 -3.58 -2.44
C PHE A 151 13.04 -4.22 -2.13
N THR A 152 13.86 -3.60 -1.29
CA THR A 152 15.15 -4.17 -0.90
C THR A 152 15.11 -4.90 0.43
N GLY A 153 14.01 -4.79 1.19
CA GLY A 153 13.86 -5.51 2.44
C GLY A 153 13.89 -4.64 3.68
N GLU A 154 13.98 -3.33 3.56
CA GLU A 154 13.98 -2.44 4.70
C GLU A 154 12.57 -1.93 4.98
N GLU A 155 12.38 -1.41 6.19
CA GLU A 155 11.08 -0.86 6.58
C GLU A 155 11.29 0.28 7.57
N MET A 156 10.31 1.17 7.63
CA MET A 156 10.41 2.31 8.55
C MET A 156 9.01 2.63 9.05
N ALA A 157 8.85 2.81 10.35
CA ALA A 157 7.55 3.07 10.95
C ALA A 157 7.66 4.20 11.97
N THR A 158 6.53 4.84 12.22
CA THR A 158 6.49 5.97 13.15
C THR A 158 6.80 5.52 14.56
N LYS A 159 7.61 6.32 15.26
CA LYS A 159 7.99 6.08 16.65
C LYS A 159 8.65 4.72 16.85
N ALA A 160 9.21 4.15 15.78
CA ALA A 160 9.75 2.79 15.77
C ALA A 160 8.72 1.76 16.21
N ASP A 161 7.43 2.07 16.08
CA ASP A 161 6.35 1.16 16.42
C ASP A 161 5.89 0.50 15.13
N TYR A 162 6.27 -0.76 14.95
CA TYR A 162 6.00 -1.48 13.71
C TYR A 162 4.70 -2.29 13.76
N THR A 163 3.86 -2.05 14.76
CA THR A 163 2.50 -2.57 14.83
C THR A 163 2.44 -4.10 14.87
N LEU A 164 2.88 -4.76 13.81
CA LEU A 164 2.74 -6.20 13.69
C LEU A 164 3.97 -6.93 14.25
N ASP A 165 3.84 -8.26 14.32
CA ASP A 165 4.96 -9.10 14.72
C ASP A 165 6.01 -9.14 13.61
N GLU A 166 7.22 -9.58 13.98
CA GLU A 166 8.32 -9.61 13.02
C GLU A 166 8.05 -10.58 11.88
N GLU A 167 7.38 -11.70 12.17
CA GLU A 167 7.14 -12.70 11.14
C GLU A 167 6.19 -12.19 10.06
N SER A 168 5.18 -11.43 10.46
CA SER A 168 4.23 -10.90 9.47
C SER A 168 4.89 -9.84 8.60
N ARG A 169 5.75 -9.00 9.18
CA ARG A 169 6.45 -8.00 8.38
C ARG A 169 7.53 -8.63 7.51
N ALA A 170 8.18 -9.70 8.00
CA ALA A 170 9.17 -10.40 7.18
C ALA A 170 8.54 -11.06 5.97
N ARG A 171 7.31 -11.55 6.11
CA ARG A 171 6.60 -12.14 4.98
C ARG A 171 6.33 -11.10 3.89
N ILE A 172 6.08 -9.85 4.29
CA ILE A 172 5.83 -8.79 3.32
C ILE A 172 7.12 -8.43 2.57
N LYS A 173 8.23 -8.34 3.31
CA LYS A 173 9.50 -8.01 2.67
C LYS A 173 9.92 -9.10 1.68
N THR A 174 9.71 -10.36 2.05
CA THR A 174 10.08 -11.45 1.16
C THR A 174 9.28 -11.40 -0.15
N ARG A 175 7.98 -11.16 -0.05
CA ARG A 175 7.15 -11.06 -1.24
C ARG A 175 7.58 -9.89 -2.13
N LEU A 176 7.94 -8.76 -1.50
CA LEU A 176 8.38 -7.60 -2.27
C LEU A 176 9.65 -7.90 -3.06
N PHE A 177 10.60 -8.62 -2.45
CA PHE A 177 11.82 -8.95 -3.17
C PHE A 177 11.57 -10.00 -4.25
N THR A 178 10.54 -10.82 -4.09
CA THR A 178 10.19 -11.76 -5.14
C THR A 178 9.62 -11.04 -6.36
N ILE A 179 8.77 -10.03 -6.13
CA ILE A 179 8.26 -9.21 -7.23
C ILE A 179 9.41 -8.52 -7.95
N ARG A 180 10.41 -8.07 -7.19
CA ARG A 180 11.58 -7.42 -7.79
C ARG A 180 12.36 -8.40 -8.65
N GLN A 181 12.54 -9.63 -8.18
CA GLN A 181 13.30 -10.62 -8.94
C GLN A 181 12.56 -11.02 -10.22
N GLU A 182 11.26 -11.26 -10.13
CA GLU A 182 10.48 -11.62 -11.32
C GLU A 182 10.47 -10.48 -12.32
N MET A 183 10.46 -9.23 -11.84
CA MET A 183 10.50 -8.08 -12.73
C MET A 183 11.85 -7.97 -13.42
N ALA A 184 12.93 -8.10 -12.66
CA ALA A 184 14.27 -8.02 -13.25
C ALA A 184 14.54 -9.19 -14.19
N SER A 185 13.95 -10.36 -13.91
CA SER A 185 14.10 -11.50 -14.81
C SER A 185 13.44 -11.26 -16.16
N ARG A 186 12.56 -10.27 -16.26
CA ARG A 186 11.92 -9.91 -17.51
C ARG A 186 12.41 -8.56 -18.04
N SER A 187 13.50 -8.03 -17.48
CA SER A 187 14.06 -6.74 -17.88
C SER A 187 13.06 -5.60 -17.72
N LEU A 188 12.13 -5.74 -16.78
CA LEU A 188 11.15 -4.72 -16.48
C LEU A 188 11.42 -3.97 -15.19
N TRP A 189 12.41 -4.39 -14.41
CA TRP A 189 12.65 -3.75 -13.11
C TRP A 189 13.29 -2.39 -13.27
N ASP A 190 14.21 -2.24 -14.22
CA ASP A 190 14.92 -0.97 -14.39
C ASP A 190 13.96 0.15 -14.73
N SER A 191 12.99 -0.11 -15.62
CA SER A 191 11.97 0.90 -15.92
C SER A 191 11.03 1.10 -14.74
N PHE A 192 10.80 0.06 -13.95
CA PHE A 192 9.94 0.19 -12.78
C PHE A 192 10.59 1.07 -11.72
N ARG A 193 11.89 0.90 -11.50
CA ARG A 193 12.59 1.71 -10.50
C ARG A 193 12.68 3.16 -10.92
N GLN A 194 13.02 3.41 -12.18
CA GLN A 194 13.16 4.78 -12.70
C GLN A 194 11.82 5.39 -13.12
N SER A 195 10.76 5.15 -12.35
CA SER A 195 9.45 5.72 -12.66
C SER A 195 8.70 6.24 -11.45
N GLU A 196 9.14 5.94 -10.22
CA GLU A 196 8.45 6.43 -9.03
C GLU A 196 8.60 7.94 -8.89
MN MN B . -0.70 3.83 1.19
MN MN C . -4.29 4.37 0.17
C21 Y5V D . 1.33 4.76 -7.26
C20 Y5V D . 0.75 4.60 -6.02
C19 Y5V D . 0.60 5.70 -5.19
C17 Y5V D . -0.05 5.49 -3.84
C14 Y5V D . 0.00 4.83 -1.38
C12 Y5V D . -1.47 5.06 -1.29
C22 Y5V D . 1.75 6.02 -7.67
C23 Y5V D . 1.58 7.12 -6.83
C11 Y5V D . -2.22 5.53 -2.47
C01 Y5V D . -2.99 8.58 -7.56
C03 Y5V D . -4.40 6.72 -7.60
C04 Y5V D . -5.12 6.84 -6.43
C05 Y5V D . -5.55 5.71 -5.74
C06 Y5V D . -6.34 5.84 -4.44
C07 Y5V D . -5.73 6.82 -3.44
C09 Y5V D . -3.70 5.79 -2.33
C24 Y5V D . 1.01 6.95 -5.59
C25 Y5V D . 0.83 8.17 -4.67
C26 Y5V D . -5.26 4.46 -6.23
C27 Y5V D . -4.54 4.33 -7.41
C28 Y5V D . -4.11 5.45 -8.09
N08 Y5V D . -4.31 6.52 -3.40
N16 Y5V D . 0.68 5.02 -2.64
N18 Y5V D . -1.52 5.72 -3.73
O02 Y5V D . -3.98 7.87 -8.26
O10 Y5V D . -4.33 5.42 -1.40
O13 Y5V D . -2.09 4.87 -0.05
O15 Y5V D . 0.59 4.46 -0.42
O29 Y5V D . -3.39 5.27 -9.28
C11 QQ4 E . -9.29 -14.60 2.26
C10 QQ4 E . -13.97 -8.68 2.25
C01 QQ4 E . -8.11 -13.73 1.86
C02 QQ4 E . -8.60 -12.55 1.02
C03 QQ4 E . -7.98 -11.24 1.50
C04 QQ4 E . -8.69 -10.07 0.80
C05 QQ4 E . -9.36 -9.10 1.78
C06 QQ4 E . -10.03 -7.97 0.98
C07 QQ4 E . -11.51 -7.68 1.31
C08 QQ4 E . -12.41 -8.34 0.28
C09 QQ4 E . -13.88 -8.42 0.74
C22 QQ4 E . -5.91 -15.08 1.71
C23 QQ4 E . -7.20 -14.96 -0.28
C24 QQ4 E . -5.97 -15.81 -0.58
C25 QQ4 E . -5.50 -16.24 0.80
C26 QQ4 E . -5.51 -11.13 2.20
C27 QQ4 E . -4.23 -11.63 1.51
C28 QQ4 E . -4.46 -11.32 0.04
C29 QQ4 E . -5.97 -11.35 -0.11
C30 QQ4 E . -11.25 -10.83 2.41
C31 QQ4 E . -11.89 -11.24 3.72
C32 QQ4 E . -11.58 -10.11 4.65
C33 QQ4 E . -10.23 -9.58 4.16
C34 QQ4 E . -11.50 -5.42 -0.02
C35 QQ4 E . -11.40 -3.98 0.49
C36 QQ4 E . -12.17 -3.94 1.76
C37 QQ4 E . -12.10 -5.34 2.30
C38 QQ4 E . -15.22 -6.31 1.39
C39 QQ4 E . -14.87 -6.70 -0.92
C40 QQ4 E . -15.68 -5.42 -0.80
C41 QQ4 E . -16.25 -5.49 0.60
N03 QQ4 E . -7.14 -14.54 1.13
N04 QQ4 E . -6.57 -11.24 1.21
N05 QQ4 E . -10.24 -9.80 2.71
N06 QQ4 E . -11.69 -6.25 1.22
N07 QQ4 E . -14.62 -7.22 0.41
O02 QQ4 E . -8.06 -14.72 -1.05
O03 QQ4 E . -6.56 -11.45 -1.14
O04 QQ4 E . -11.53 -11.25 1.34
O06 QQ4 E . -12.34 -5.66 3.42
O07 QQ4 E . -14.52 -7.19 -1.95
S SO4 F . -1.91 -8.73 17.53
O1 SO4 F . -0.89 -8.34 16.55
O2 SO4 F . -1.55 -8.20 18.85
O3 SO4 F . -3.20 -8.18 17.13
O4 SO4 F . -2.00 -10.18 17.60
S SO4 G . 10.19 -5.74 16.60
O1 SO4 G . 9.65 -4.38 16.63
O2 SO4 G . 11.06 -5.94 17.76
O3 SO4 G . 9.10 -6.70 16.65
O4 SO4 G . 10.96 -5.92 15.38
S SO4 H . 4.00 4.58 -16.17
O1 SO4 H . 5.16 5.21 -15.55
O2 SO4 H . 3.09 4.11 -15.12
O3 SO4 H . 3.31 5.55 -17.02
O4 SO4 H . 4.43 3.45 -16.98
#